data_6HML
#
_entry.id   6HML
#
_cell.length_a   67.310
_cell.length_b   90.190
_cell.length_c   95.990
_cell.angle_alpha   90.00
_cell.angle_beta   90.00
_cell.angle_gamma   90.00
#
_symmetry.space_group_name_H-M   'P 21 21 21'
#
loop_
_entity.id
_entity.type
_entity.pdbx_description
1 polymer 'Poly(ADP-ribose) glycohydrolase'
2 non-polymer 1-[(2,4-dimethyl-1,3-thiazol-5-yl)methyl]-6-[[(1-methylcyclopropyl)amino]-bis(oxidanyl)-$l^{4}-sulfanyl]-3-[(1-methylpyrazol-4-yl)methyl]quinazoline-2,4-dione
3 non-polymer 'DIMETHYL SULFOXIDE'
4 non-polymer GLYCEROL
5 non-polymer 'SULFATE ION'
6 water water
#
_entity_poly.entity_id   1
_entity_poly.type   'polypeptide(L)'
_entity_poly.pdbx_seq_one_letter_code
;GSSPDKKWLGTPIEEMRRMPRCGIRLPLLRPSANHTVTIRVDLLRAGEVPKPFPTHYKDLWDNKHVKMPCSEQNLYPVED
ENGERTAGSRWELIQTALLNKFTRPQNLKDAILKYNVAYSKKWDFTALIDFWDKVLEEAEAQHLYQSILPDMVKIALCLP
NICTQPIPLLAAAMNHSITMSQEQIASLLANAFFCTFPRRNAKMKSEYSSYPDINFNRLFEGRSSRKPEKLKTLF(6WK)
YFRRVTAAAPTGLVTFTRQSLEDFPEWERCEKPLTRLHVTYEGTIEENGQGMLQVDFANRFVGGGVTSAGLVQEEIRFLI
NPELIISRLFTEVLDHNECLIITGTEQYSEYTGYAETYRWSRSHEDGSERDDWQRRCTEIVAIDALHFRRYLDQFVPEKM
RRELNKAYCGFLRPGVSSENLSAVATGNWGCGAFGGDARLKALIQILAAAAAERDVVYFTFGDSELMRDIYSMHIFLTER
KLTVGDVYKLLLRYYNEECRNCSTPGPDIKLYPFIYHAVESCAETADHSGQRTGT
;
_entity_poly.pdbx_strand_id   A
#
# COMPACT_ATOMS: atom_id res chain seq x y z
N PRO A 4 -33.82 9.48 11.06
CA PRO A 4 -34.61 9.39 9.82
C PRO A 4 -33.77 9.12 8.58
N ASP A 5 -32.61 9.78 8.45
CA ASP A 5 -31.68 9.59 7.33
C ASP A 5 -30.23 9.53 7.84
N LYS A 6 -30.02 8.71 8.91
CA LYS A 6 -28.76 8.47 9.63
C LYS A 6 -27.59 8.24 8.68
N LYS A 7 -26.47 8.95 8.90
CA LYS A 7 -25.28 8.86 8.05
C LYS A 7 -24.37 7.69 8.45
N TRP A 8 -24.55 7.19 9.67
CA TRP A 8 -23.79 6.08 10.24
C TRP A 8 -24.75 5.24 11.08
N LEU A 9 -24.39 3.99 11.35
CA LEU A 9 -25.21 3.09 12.14
C LEU A 9 -24.33 2.19 12.99
N GLY A 10 -24.86 1.70 14.11
CA GLY A 10 -24.16 0.80 15.01
C GLY A 10 -23.52 1.48 16.19
N THR A 11 -22.32 1.00 16.59
CA THR A 11 -21.55 1.56 17.71
C THR A 11 -21.00 2.94 17.33
N PRO A 12 -21.22 3.98 18.17
CA PRO A 12 -20.61 5.30 17.89
C PRO A 12 -19.10 5.14 17.67
N ILE A 13 -18.54 5.86 16.72
CA ILE A 13 -17.12 5.75 16.38
C ILE A 13 -16.18 6.14 17.59
N GLU A 14 -16.64 7.02 18.50
CA GLU A 14 -15.87 7.44 19.69
C GLU A 14 -15.63 6.27 20.67
N GLU A 15 -16.51 5.25 20.67
CA GLU A 15 -16.37 4.05 21.49
C GLU A 15 -15.40 3.02 20.88
N MET A 16 -14.93 3.26 19.63
CA MET A 16 -14.01 2.33 18.93
C MET A 16 -12.55 2.64 19.29
N ARG A 17 -11.70 1.58 19.43
CA ARG A 17 -10.27 1.75 19.79
C ARG A 17 -9.48 2.38 18.63
N ARG A 18 -8.71 3.46 18.97
CA ARG A 18 -7.87 4.27 18.08
C ARG A 18 -6.42 4.28 18.60
N ILE A 24 -0.13 0.56 22.40
CA ILE A 24 0.62 0.03 23.54
C ILE A 24 2.07 0.55 23.56
N ARG A 25 2.75 0.40 24.73
CA ARG A 25 4.14 0.78 24.95
C ARG A 25 5.04 -0.08 24.08
N LEU A 26 5.93 0.56 23.30
CA LEU A 26 6.82 -0.15 22.37
C LEU A 26 8.07 -0.71 23.04
N PRO A 27 8.51 -1.95 22.66
CA PRO A 27 9.80 -2.44 23.16
C PRO A 27 10.94 -1.65 22.51
N LEU A 28 12.16 -1.78 23.02
CA LEU A 28 13.31 -1.07 22.48
C LEU A 28 13.60 -1.50 21.03
N LEU A 29 13.79 -0.50 20.16
CA LEU A 29 14.08 -0.74 18.75
C LEU A 29 15.52 -1.21 18.65
N ARG A 30 15.75 -2.31 17.93
CA ARG A 30 17.09 -2.85 17.72
C ARG A 30 17.08 -3.85 16.58
N PRO A 31 18.21 -3.99 15.83
CA PRO A 31 18.24 -5.02 14.78
C PRO A 31 18.30 -6.43 15.40
N SER A 32 17.62 -7.37 14.75
CA SER A 32 17.61 -8.78 15.13
C SER A 32 17.53 -9.58 13.83
N ALA A 33 17.53 -10.91 13.94
CA ALA A 33 17.43 -11.84 12.82
C ALA A 33 16.24 -11.50 11.89
N ASN A 34 15.08 -11.12 12.48
CA ASN A 34 13.85 -10.82 11.74
C ASN A 34 13.56 -9.31 11.60
N HIS A 35 14.52 -8.46 11.99
CA HIS A 35 14.35 -7.02 11.93
C HIS A 35 15.60 -6.26 11.47
N THR A 36 15.56 -5.70 10.25
CA THR A 36 16.60 -4.85 9.68
C THR A 36 16.31 -3.39 10.10
N VAL A 37 17.27 -2.73 10.78
CA VAL A 37 17.19 -1.34 11.23
C VAL A 37 18.38 -0.59 10.59
N THR A 38 18.10 0.40 9.73
CA THR A 38 19.14 1.06 8.91
C THR A 38 19.66 2.42 9.49
N ILE A 39 19.28 2.76 10.72
CA ILE A 39 19.66 4.01 11.37
C ILE A 39 20.28 3.74 12.75
N ARG A 40 20.90 4.76 13.36
CA ARG A 40 21.50 4.65 14.71
C ARG A 40 20.43 4.82 15.80
N VAL A 41 20.03 3.69 16.41
CA VAL A 41 18.99 3.66 17.46
C VAL A 41 19.42 4.48 18.69
N ASP A 42 20.70 4.37 19.10
CA ASP A 42 21.27 5.10 20.25
C ASP A 42 21.18 6.62 20.05
N LEU A 43 21.16 7.09 18.77
CA LEU A 43 21.10 8.51 18.44
C LEU A 43 19.71 8.99 17.99
N LEU A 44 18.70 8.11 18.03
CA LEU A 44 17.35 8.47 17.59
C LEU A 44 16.71 9.47 18.54
N ARG A 45 16.42 10.68 18.02
CA ARG A 45 15.83 11.78 18.81
C ARG A 45 14.76 12.51 18.02
N ALA A 46 13.70 12.93 18.75
CA ALA A 46 12.55 13.65 18.20
C ALA A 46 13.00 14.96 17.55
N GLY A 47 12.56 15.24 16.34
CA GLY A 47 12.93 16.48 15.65
C GLY A 47 14.31 16.49 15.02
N GLU A 48 15.08 15.40 15.19
CA GLU A 48 16.43 15.28 14.61
C GLU A 48 16.42 14.28 13.46
N VAL A 49 17.14 14.60 12.39
CA VAL A 49 17.32 13.70 11.24
C VAL A 49 18.12 12.44 11.69
N PRO A 50 17.57 11.21 11.49
CA PRO A 50 18.31 10.01 11.92
C PRO A 50 19.65 9.83 11.21
N LYS A 51 20.62 9.28 11.91
CA LYS A 51 21.96 9.04 11.40
C LYS A 51 21.98 7.63 10.81
N PRO A 52 22.46 7.43 9.57
CA PRO A 52 22.51 6.06 9.02
C PRO A 52 23.48 5.13 9.77
N PHE A 53 23.14 3.84 9.82
CA PHE A 53 23.99 2.79 10.37
C PHE A 53 24.16 1.70 9.31
N PRO A 54 25.40 1.36 8.85
CA PRO A 54 26.72 1.87 9.28
C PRO A 54 27.04 3.28 8.79
N THR A 55 28.16 3.85 9.28
CA THR A 55 28.62 5.20 8.93
C THR A 55 29.03 5.26 7.45
N HIS A 56 29.76 4.24 6.96
N HIS A 56 29.71 4.22 6.96
CA HIS A 56 30.23 4.16 5.57
CA HIS A 56 30.21 4.12 5.59
C HIS A 56 29.46 3.09 4.81
C HIS A 56 29.43 3.08 4.81
N TYR A 57 29.21 3.35 3.52
CA TYR A 57 28.48 2.48 2.60
C TYR A 57 29.03 1.05 2.58
N LYS A 58 28.14 0.07 2.77
CA LYS A 58 28.43 -1.37 2.70
C LYS A 58 27.52 -1.91 1.58
N ASP A 59 28.11 -2.69 0.67
CA ASP A 59 27.41 -3.22 -0.49
C ASP A 59 27.16 -4.71 -0.44
N LEU A 60 25.97 -5.15 -0.95
CA LEU A 60 25.61 -6.53 -1.19
C LEU A 60 24.94 -6.62 -2.55
N TRP A 61 25.55 -7.37 -3.47
CA TRP A 61 25.05 -7.57 -4.83
C TRP A 61 24.77 -9.07 -4.96
N ASP A 62 23.58 -9.51 -4.48
CA ASP A 62 23.19 -10.91 -4.45
C ASP A 62 21.67 -11.11 -4.64
N ASN A 63 21.19 -12.38 -4.63
N ASN A 63 21.21 -12.37 -4.62
CA ASN A 63 19.78 -12.73 -4.80
CA ASN A 63 19.79 -12.77 -4.79
C ASN A 63 18.88 -12.41 -3.60
C ASN A 63 18.89 -12.44 -3.60
N LYS A 64 19.47 -12.05 -2.44
CA LYS A 64 18.71 -11.78 -1.22
C LYS A 64 18.62 -10.29 -0.85
N HIS A 65 19.23 -9.41 -1.64
CA HIS A 65 19.20 -7.98 -1.33
C HIS A 65 18.85 -7.12 -2.55
N VAL A 66 18.39 -5.88 -2.29
CA VAL A 66 18.13 -4.87 -3.32
C VAL A 66 19.48 -4.62 -4.03
N LYS A 67 19.47 -4.58 -5.37
CA LYS A 67 20.66 -4.28 -6.16
C LYS A 67 20.70 -2.75 -6.26
N MET A 68 21.60 -2.12 -5.52
CA MET A 68 21.68 -0.67 -5.45
C MET A 68 22.28 -0.06 -6.72
N PRO A 69 21.78 1.12 -7.18
CA PRO A 69 22.41 1.74 -8.37
C PRO A 69 23.85 2.22 -8.12
N CYS A 70 24.19 2.52 -6.87
CA CYS A 70 25.52 3.00 -6.49
C CYS A 70 26.55 1.88 -6.24
N SER A 71 26.13 0.61 -6.39
CA SER A 71 27.01 -0.54 -6.23
C SER A 71 28.14 -0.52 -7.26
N GLU A 72 29.35 -0.94 -6.83
CA GLU A 72 30.52 -1.05 -7.69
C GLU A 72 30.34 -2.17 -8.73
N GLN A 73 29.37 -3.08 -8.49
CA GLN A 73 29.01 -4.19 -9.38
C GLN A 73 27.92 -3.79 -10.37
N ASN A 74 27.44 -2.51 -10.31
CA ASN A 74 26.46 -1.97 -11.25
C ASN A 74 27.29 -1.52 -12.45
N LEU A 75 27.48 -2.44 -13.41
CA LEU A 75 28.35 -2.22 -14.56
C LEU A 75 27.61 -2.20 -15.89
N TYR A 76 28.28 -1.70 -16.93
CA TYR A 76 27.74 -1.65 -18.29
C TYR A 76 28.87 -1.86 -19.34
N PRO A 77 28.62 -2.60 -20.45
CA PRO A 77 29.68 -2.77 -21.46
C PRO A 77 29.97 -1.47 -22.24
N VAL A 78 31.27 -1.10 -22.33
CA VAL A 78 31.71 0.11 -23.03
C VAL A 78 32.42 -0.28 -24.34
N THR A 86 35.55 -3.98 -21.89
CA THR A 86 35.66 -2.97 -20.83
C THR A 86 34.30 -2.66 -20.19
N ALA A 87 34.14 -3.05 -18.92
CA ALA A 87 32.93 -2.83 -18.13
C ALA A 87 33.11 -1.50 -17.40
N GLY A 88 32.16 -0.59 -17.60
CA GLY A 88 32.19 0.73 -16.99
C GLY A 88 31.24 0.84 -15.81
N SER A 89 31.43 1.87 -14.99
CA SER A 89 30.61 2.12 -13.81
C SER A 89 29.32 2.84 -14.20
N ARG A 90 28.15 2.17 -14.04
CA ARG A 90 26.84 2.76 -14.34
C ARG A 90 26.52 3.94 -13.41
N TRP A 91 27.00 3.88 -12.16
CA TRP A 91 26.79 4.96 -11.18
C TRP A 91 27.48 6.25 -11.59
N GLU A 92 28.69 6.15 -12.15
CA GLU A 92 29.44 7.28 -12.67
C GLU A 92 28.71 7.89 -13.87
N LEU A 93 28.14 7.04 -14.74
CA LEU A 93 27.37 7.47 -15.90
C LEU A 93 26.09 8.19 -15.44
N ILE A 94 25.42 7.65 -14.36
CA ILE A 94 24.21 8.23 -13.74
C ILE A 94 24.51 9.64 -13.25
N GLN A 95 25.65 9.82 -12.54
CA GLN A 95 26.09 11.12 -12.02
C GLN A 95 26.34 12.12 -13.16
N THR A 96 27.04 11.67 -14.20
CA THR A 96 27.39 12.46 -15.37
C THR A 96 26.11 12.91 -16.10
N ALA A 97 25.18 11.99 -16.33
CA ALA A 97 23.91 12.27 -17.00
C ALA A 97 23.01 13.25 -16.20
N LEU A 98 22.87 13.05 -14.88
CA LEU A 98 21.94 13.86 -14.09
C LEU A 98 22.47 15.23 -13.64
N LEU A 99 23.80 15.44 -13.65
CA LEU A 99 24.38 16.71 -13.22
C LEU A 99 24.49 17.76 -14.34
N ASN A 100 23.48 17.85 -15.19
CA ASN A 100 23.38 18.82 -16.26
C ASN A 100 22.19 19.72 -16.03
N LYS A 101 22.21 20.90 -16.65
CA LYS A 101 21.11 21.86 -16.55
C LYS A 101 19.93 21.34 -17.40
N PHE A 102 18.77 21.22 -16.79
CA PHE A 102 17.55 20.85 -17.53
C PHE A 102 16.80 22.16 -17.75
N THR A 103 16.51 22.49 -19.02
CA THR A 103 15.76 23.72 -19.32
C THR A 103 14.48 23.37 -20.07
N ARG A 104 14.45 22.19 -20.72
CA ARG A 104 13.39 21.64 -21.56
C ARG A 104 13.13 20.16 -21.22
N PRO A 105 11.87 19.64 -21.34
CA PRO A 105 11.63 18.22 -21.00
C PRO A 105 12.47 17.16 -21.74
N GLN A 106 12.90 17.46 -22.97
CA GLN A 106 13.80 16.60 -23.77
C GLN A 106 15.15 16.36 -23.05
N ASN A 107 15.63 17.37 -22.28
CA ASN A 107 16.90 17.27 -21.54
C ASN A 107 16.79 16.23 -20.44
N LEU A 108 15.61 16.15 -19.77
CA LEU A 108 15.40 15.17 -18.70
C LEU A 108 15.24 13.76 -19.32
N LYS A 109 14.49 13.64 -20.41
CA LYS A 109 14.34 12.40 -21.16
C LYS A 109 15.75 11.87 -21.58
N ASP A 110 16.55 12.70 -22.28
CA ASP A 110 17.91 12.37 -22.74
C ASP A 110 18.80 11.91 -21.59
N ALA A 111 18.76 12.60 -20.42
CA ALA A 111 19.52 12.24 -19.22
C ALA A 111 19.18 10.84 -18.74
N ILE A 112 17.89 10.55 -18.52
CA ILE A 112 17.40 9.23 -18.09
C ILE A 112 17.81 8.10 -19.04
N LEU A 113 17.78 8.36 -20.37
CA LEU A 113 18.09 7.36 -21.38
C LEU A 113 19.56 7.06 -21.56
N LYS A 114 20.46 7.93 -21.11
CA LYS A 114 21.91 7.71 -21.19
C LYS A 114 22.34 6.43 -20.44
N TYR A 115 21.64 6.09 -19.35
CA TYR A 115 21.97 4.87 -18.60
C TYR A 115 20.86 3.84 -18.72
N ASN A 116 20.02 3.96 -19.78
CA ASN A 116 18.91 3.07 -20.09
C ASN A 116 18.78 2.99 -21.62
N VAL A 117 19.94 2.87 -22.33
CA VAL A 117 20.11 2.87 -23.79
C VAL A 117 19.21 1.81 -24.48
N ALA A 118 19.04 0.62 -23.85
CA ALA A 118 18.23 -0.50 -24.36
C ALA A 118 16.72 -0.18 -24.46
N TYR A 119 16.25 0.84 -23.71
CA TYR A 119 14.84 1.25 -23.65
C TYR A 119 14.56 2.59 -24.36
N SER A 120 15.54 3.12 -25.08
CA SER A 120 15.43 4.40 -25.80
C SER A 120 14.32 4.40 -26.89
N LYS A 121 13.96 3.22 -27.40
CA LYS A 121 12.87 3.12 -28.38
C LYS A 121 11.58 2.58 -27.72
N LYS A 122 11.68 1.96 -26.52
CA LYS A 122 10.53 1.38 -25.81
C LYS A 122 9.87 2.32 -24.80
N TRP A 123 10.63 3.26 -24.23
CA TRP A 123 10.08 4.16 -23.23
C TRP A 123 9.48 5.42 -23.82
N ASP A 124 8.19 5.61 -23.60
CA ASP A 124 7.50 6.80 -24.05
C ASP A 124 7.54 7.84 -22.93
N PHE A 125 7.80 9.12 -23.29
CA PHE A 125 7.93 10.25 -22.37
C PHE A 125 6.87 11.36 -22.59
N THR A 126 5.87 11.09 -23.45
CA THR A 126 4.74 12.00 -23.80
C THR A 126 4.09 12.68 -22.58
N ALA A 127 3.75 11.93 -21.52
CA ALA A 127 3.12 12.53 -20.34
C ALA A 127 4.03 13.50 -19.61
N LEU A 128 5.34 13.24 -19.60
CA LEU A 128 6.30 14.11 -18.93
C LEU A 128 6.47 15.42 -19.70
N ILE A 129 6.57 15.30 -21.06
CA ILE A 129 6.69 16.42 -22.00
C ILE A 129 5.41 17.27 -21.98
N ASP A 130 4.22 16.63 -21.99
CA ASP A 130 2.94 17.35 -21.94
C ASP A 130 2.72 18.04 -20.58
N PHE A 131 3.16 17.43 -19.47
CA PHE A 131 3.00 18.04 -18.14
C PHE A 131 3.81 19.35 -18.06
N TRP A 132 5.09 19.26 -18.43
CA TRP A 132 6.07 20.35 -18.42
C TRP A 132 5.70 21.46 -19.40
N ASP A 133 5.42 21.10 -20.65
CA ASP A 133 5.06 22.04 -21.71
C ASP A 133 3.62 22.46 -21.84
N LYS A 134 2.66 21.55 -21.62
CA LYS A 134 1.24 21.84 -21.95
C LYS A 134 0.26 21.93 -20.76
N VAL A 135 0.71 21.56 -19.56
CA VAL A 135 -0.13 21.64 -18.36
C VAL A 135 0.35 22.80 -17.48
N LEU A 136 1.64 22.78 -17.10
CA LEU A 136 2.21 23.80 -16.21
C LEU A 136 2.31 25.18 -16.82
N GLU A 137 2.05 26.21 -16.00
CA GLU A 137 2.24 27.62 -16.40
C GLU A 137 3.76 27.87 -16.49
N GLU A 138 4.17 29.00 -17.08
CA GLU A 138 5.60 29.30 -17.26
C GLU A 138 6.41 29.30 -15.93
N ALA A 139 5.88 29.95 -14.88
CA ALA A 139 6.52 30.06 -13.55
C ALA A 139 6.64 28.70 -12.84
N GLU A 140 5.61 27.84 -12.96
CA GLU A 140 5.60 26.50 -12.38
C GLU A 140 6.62 25.58 -13.07
N ALA A 141 6.73 25.65 -14.41
CA ALA A 141 7.70 24.86 -15.17
C ALA A 141 9.13 25.32 -14.74
N GLN A 142 9.33 26.64 -14.58
CA GLN A 142 10.59 27.25 -14.17
C GLN A 142 11.01 26.78 -12.78
N HIS A 143 10.07 26.78 -11.83
CA HIS A 143 10.31 26.29 -10.47
C HIS A 143 10.69 24.79 -10.50
N LEU A 144 10.06 24.01 -11.40
CA LEU A 144 10.33 22.59 -11.56
C LEU A 144 11.80 22.31 -12.01
N TYR A 145 12.26 22.98 -13.06
CA TYR A 145 13.59 22.69 -13.58
C TYR A 145 14.68 23.50 -12.91
N GLN A 146 14.35 24.64 -12.30
CA GLN A 146 15.38 25.43 -11.62
C GLN A 146 15.55 25.01 -10.16
N SER A 147 14.47 24.52 -9.51
N SER A 147 14.47 24.52 -9.51
CA SER A 147 14.55 24.14 -8.09
CA SER A 147 14.55 24.15 -8.10
C SER A 147 14.25 22.66 -7.78
C SER A 147 14.26 22.66 -7.79
N ILE A 148 13.05 22.16 -8.11
CA ILE A 148 12.62 20.77 -7.78
C ILE A 148 13.52 19.67 -8.38
N LEU A 149 13.67 19.58 -9.73
CA LEU A 149 14.50 18.56 -10.41
C LEU A 149 15.98 18.57 -9.96
N PRO A 150 16.71 19.72 -9.91
CA PRO A 150 18.07 19.70 -9.35
C PRO A 150 18.12 19.23 -7.88
N ASP A 151 17.14 19.59 -7.04
CA ASP A 151 17.08 19.15 -5.64
C ASP A 151 16.81 17.64 -5.53
N MET A 152 16.06 17.07 -6.52
CA MET A 152 15.79 15.63 -6.60
C MET A 152 17.05 14.87 -7.00
N VAL A 153 17.83 15.41 -7.95
CA VAL A 153 19.10 14.83 -8.43
C VAL A 153 20.09 14.76 -7.26
N LYS A 154 20.19 15.83 -6.48
CA LYS A 154 21.13 15.88 -5.34
C LYS A 154 20.81 14.84 -4.27
N ILE A 155 19.53 14.67 -3.91
CA ILE A 155 19.18 13.66 -2.91
C ILE A 155 19.34 12.23 -3.49
N ALA A 156 19.09 12.04 -4.80
CA ALA A 156 19.28 10.72 -5.45
C ALA A 156 20.77 10.37 -5.45
N LEU A 157 21.64 11.34 -5.78
CA LEU A 157 23.10 11.11 -5.85
C LEU A 157 23.75 10.98 -4.48
N CYS A 158 23.04 11.38 -3.41
CA CYS A 158 23.50 11.21 -2.02
C CYS A 158 23.29 9.79 -1.49
N LEU A 159 22.61 8.92 -2.26
CA LEU A 159 22.24 7.54 -1.90
C LEU A 159 23.34 6.77 -1.16
N PRO A 160 24.62 6.68 -1.61
CA PRO A 160 25.62 5.94 -0.82
C PRO A 160 25.89 6.46 0.59
N ASN A 161 25.62 7.75 0.85
CA ASN A 161 25.86 8.34 2.17
C ASN A 161 24.62 8.27 3.07
N ILE A 162 23.45 8.02 2.47
CA ILE A 162 22.16 7.97 3.14
C ILE A 162 21.75 6.51 3.45
N CYS A 163 21.77 5.63 2.43
CA CYS A 163 21.43 4.21 2.56
C CYS A 163 22.72 3.41 2.55
N THR A 164 23.39 3.36 3.69
CA THR A 164 24.69 2.71 3.85
C THR A 164 24.59 1.21 4.13
N GLN A 165 23.41 0.74 4.51
CA GLN A 165 23.17 -0.65 4.88
C GLN A 165 22.39 -1.40 3.80
N PRO A 166 22.85 -2.62 3.45
CA PRO A 166 22.09 -3.43 2.46
C PRO A 166 20.64 -3.63 2.88
N ILE A 167 19.71 -3.51 1.90
CA ILE A 167 18.27 -3.67 2.16
C ILE A 167 17.83 -5.06 1.75
N PRO A 168 17.39 -5.91 2.70
CA PRO A 168 16.97 -7.26 2.32
C PRO A 168 15.64 -7.26 1.62
N LEU A 169 15.48 -8.20 0.69
CA LEU A 169 14.23 -8.37 -0.01
C LEU A 169 13.25 -9.07 0.95
N LEU A 170 12.00 -8.59 0.98
CA LEU A 170 10.92 -9.19 1.77
C LEU A 170 10.30 -10.21 0.81
N ALA A 171 10.98 -11.36 0.72
CA ALA A 171 10.65 -12.50 -0.15
C ALA A 171 9.52 -13.34 0.38
N ALA A 172 8.86 -14.12 -0.50
CA ALA A 172 7.77 -15.02 -0.15
C ALA A 172 8.10 -15.93 1.05
N ALA A 173 7.15 -16.04 1.99
CA ALA A 173 7.21 -16.86 3.21
C ALA A 173 8.16 -16.30 4.29
N MET A 174 8.73 -15.11 4.06
CA MET A 174 9.56 -14.46 5.05
C MET A 174 8.65 -13.67 6.02
N ASN A 175 8.96 -13.73 7.31
CA ASN A 175 8.32 -12.97 8.37
C ASN A 175 9.44 -12.10 8.83
N HIS A 176 9.57 -10.92 8.20
CA HIS A 176 10.68 -10.01 8.40
C HIS A 176 10.22 -8.56 8.32
N SER A 177 10.90 -7.67 9.07
CA SER A 177 10.64 -6.24 9.14
C SER A 177 11.85 -5.41 8.75
N ILE A 178 11.59 -4.26 8.10
CA ILE A 178 12.59 -3.25 7.74
C ILE A 178 12.13 -1.91 8.36
N THR A 179 12.97 -1.32 9.20
CA THR A 179 12.76 0.01 9.76
C THR A 179 13.87 0.90 9.20
N MET A 180 13.46 1.89 8.42
CA MET A 180 14.34 2.88 7.76
C MET A 180 13.83 4.31 8.01
N SER A 181 14.66 5.31 7.69
CA SER A 181 14.19 6.68 7.89
C SER A 181 13.40 7.20 6.68
N GLN A 182 12.57 8.24 6.90
CA GLN A 182 11.81 8.91 5.84
C GLN A 182 12.79 9.56 4.87
N GLU A 183 13.95 10.07 5.38
CA GLU A 183 15.01 10.65 4.56
C GLU A 183 15.62 9.60 3.61
N GLN A 184 15.90 8.38 4.11
CA GLN A 184 16.41 7.25 3.31
C GLN A 184 15.41 6.90 2.18
N ILE A 185 14.11 7.00 2.45
CA ILE A 185 13.03 6.70 1.50
C ILE A 185 13.01 7.73 0.38
N ALA A 186 13.20 9.02 0.74
CA ALA A 186 13.21 10.12 -0.21
C ALA A 186 14.37 9.93 -1.21
N SER A 187 15.57 9.49 -0.75
CA SER A 187 16.73 9.27 -1.62
C SER A 187 16.46 8.13 -2.59
N LEU A 188 15.89 7.01 -2.09
CA LEU A 188 15.53 5.87 -2.91
C LEU A 188 14.38 6.22 -3.92
N LEU A 189 13.37 6.99 -3.50
CA LEU A 189 12.27 7.38 -4.40
C LEU A 189 12.71 8.34 -5.53
N ALA A 190 13.69 9.25 -5.24
CA ALA A 190 14.27 10.17 -6.23
C ALA A 190 15.04 9.33 -7.29
N ASN A 191 15.72 8.26 -6.84
CA ASN A 191 16.36 7.29 -7.73
C ASN A 191 15.33 6.56 -8.63
N ALA A 192 14.20 6.10 -8.04
CA ALA A 192 13.07 5.45 -8.76
C ALA A 192 12.48 6.40 -9.81
N PHE A 193 12.39 7.71 -9.48
CA PHE A 193 11.92 8.71 -10.46
C PHE A 193 12.91 8.81 -11.65
N PHE A 194 14.22 8.82 -11.36
CA PHE A 194 15.22 8.94 -12.42
C PHE A 194 15.55 7.60 -13.10
N CYS A 195 14.79 6.52 -12.73
CA CYS A 195 14.87 5.16 -13.27
C CYS A 195 16.28 4.55 -13.17
N THR A 196 16.93 4.67 -11.98
CA THR A 196 18.32 4.19 -11.79
C THR A 196 18.45 2.78 -11.24
N PHE A 197 17.37 2.14 -10.77
CA PHE A 197 17.50 0.81 -10.20
C PHE A 197 17.81 -0.23 -11.26
N PRO A 198 18.96 -0.94 -11.14
CA PRO A 198 19.31 -1.92 -12.18
C PRO A 198 18.56 -3.24 -12.05
N ARG A 199 18.41 -3.95 -13.17
CA ARG A 199 17.74 -5.27 -13.29
C ARG A 199 16.25 -5.22 -13.03
N ARG A 200 15.65 -4.04 -13.03
CA ARG A 200 14.22 -3.91 -12.75
C ARG A 200 13.41 -3.47 -13.95
N ASN A 201 13.99 -3.52 -15.16
CA ASN A 201 13.36 -3.02 -16.37
C ASN A 201 12.90 -4.03 -17.41
N ALA A 202 13.62 -5.14 -17.60
CA ALA A 202 13.31 -6.10 -18.67
C ALA A 202 11.96 -6.82 -18.54
N LYS A 203 11.21 -6.90 -19.66
CA LYS A 203 9.92 -7.60 -19.72
C LYS A 203 10.09 -9.10 -19.51
N MET A 204 11.27 -9.64 -19.91
CA MET A 204 11.62 -11.07 -19.81
C MET A 204 12.62 -11.36 -18.67
N LYS A 205 12.70 -10.44 -17.68
CA LYS A 205 13.56 -10.62 -16.49
C LYS A 205 13.07 -11.81 -15.66
N SER A 206 13.99 -12.54 -15.03
CA SER A 206 13.64 -13.71 -14.23
C SER A 206 13.84 -13.45 -12.74
N GLU A 207 14.96 -12.79 -12.40
CA GLU A 207 15.37 -12.45 -11.04
C GLU A 207 14.32 -11.65 -10.26
N TYR A 208 13.68 -10.67 -10.93
CA TYR A 208 12.67 -9.83 -10.32
C TYR A 208 11.29 -9.93 -10.99
N SER A 209 11.01 -11.05 -11.70
CA SER A 209 9.71 -11.24 -12.37
C SER A 209 8.53 -11.26 -11.40
N SER A 210 8.76 -11.69 -10.15
CA SER A 210 7.72 -11.77 -9.13
C SER A 210 7.70 -10.53 -8.21
N TYR A 211 8.42 -9.45 -8.59
CA TYR A 211 8.50 -8.20 -7.84
C TYR A 211 7.79 -7.10 -8.61
N PRO A 212 7.19 -6.09 -7.94
CA PRO A 212 6.54 -5.01 -8.68
C PRO A 212 7.56 -4.08 -9.36
N ASP A 213 7.09 -3.26 -10.33
CA ASP A 213 7.94 -2.27 -10.98
C ASP A 213 8.28 -1.19 -9.93
N ILE A 214 9.50 -0.69 -9.96
CA ILE A 214 9.95 0.36 -9.05
C ILE A 214 10.32 1.64 -9.84
N ASN A 215 11.06 1.53 -10.97
CA ASN A 215 11.46 2.69 -11.79
C ASN A 215 10.18 3.34 -12.35
N PHE A 216 10.12 4.69 -12.35
CA PHE A 216 8.91 5.46 -12.67
C PHE A 216 8.60 5.72 -14.17
N ASN A 217 9.27 5.02 -15.08
CA ASN A 217 9.16 5.30 -16.53
C ASN A 217 7.73 5.23 -17.09
N ARG A 218 6.90 4.32 -16.60
CA ARG A 218 5.51 4.19 -17.08
C ARG A 218 4.63 5.37 -16.67
N LEU A 219 5.10 6.21 -15.72
CA LEU A 219 4.39 7.41 -15.29
C LEU A 219 4.55 8.49 -16.35
N PHE A 220 5.60 8.36 -17.18
CA PHE A 220 5.92 9.32 -18.25
C PHE A 220 5.25 9.02 -19.58
N GLU A 221 4.57 7.87 -19.72
CA GLU A 221 3.99 7.50 -21.02
C GLU A 221 2.53 7.93 -21.25
N GLY A 222 2.18 8.08 -22.53
CA GLY A 222 0.82 8.37 -23.02
C GLY A 222 0.20 9.70 -22.66
N ARG A 223 -1.11 9.84 -22.96
CA ARG A 223 -1.86 11.09 -22.82
C ARG A 223 -3.11 11.01 -21.93
N SER A 224 -3.10 10.14 -20.91
CA SER A 224 -4.23 10.11 -19.97
C SER A 224 -4.28 11.46 -19.24
N SER A 225 -5.49 12.01 -19.05
CA SER A 225 -5.69 13.27 -18.34
C SER A 225 -5.33 13.13 -16.84
N ARG A 226 -5.17 11.88 -16.36
CA ARG A 226 -4.86 11.56 -14.98
C ARG A 226 -3.36 11.62 -14.67
N LYS A 227 -2.48 11.54 -15.71
CA LYS A 227 -1.03 11.65 -15.54
C LYS A 227 -0.59 12.97 -14.94
N PRO A 228 -1.07 14.16 -15.40
CA PRO A 228 -0.67 15.42 -14.75
C PRO A 228 -1.03 15.46 -13.26
N GLU A 229 -2.15 14.82 -12.89
CA GLU A 229 -2.62 14.72 -11.50
C GLU A 229 -1.67 13.86 -10.67
N LYS A 230 -1.21 12.72 -11.21
CA LYS A 230 -0.25 11.82 -10.54
C LYS A 230 1.10 12.54 -10.35
N LEU A 231 1.55 13.27 -11.39
CA LEU A 231 2.80 14.04 -11.41
C LEU A 231 2.79 15.19 -10.43
N LYS A 232 1.65 15.93 -10.32
CA LYS A 232 1.49 17.01 -9.34
C LYS A 232 1.55 16.46 -7.91
N THR A 233 0.95 15.30 -7.69
CA THR A 233 0.95 14.66 -6.37
C THR A 233 2.39 14.23 -5.97
N LEU A 234 3.13 13.65 -6.90
CA LEU A 234 4.51 13.20 -6.64
C LEU A 234 5.48 14.36 -6.50
N PHE A 235 5.41 15.38 -7.39
CA PHE A 235 6.25 16.58 -7.25
C PHE A 235 5.92 17.38 -5.98
N TYR A 237 5.23 15.96 -3.04
CA TYR A 237 6.04 15.17 -2.12
C TYR A 237 7.53 15.49 -2.28
N PHE A 238 8.06 15.42 -3.50
CA PHE A 238 9.48 15.70 -3.76
C PHE A 238 9.90 17.12 -3.37
N ARG A 239 9.06 18.12 -3.65
CA ARG A 239 9.32 19.50 -3.23
C ARG A 239 9.43 19.59 -1.69
N ARG A 240 8.50 18.96 -0.95
CA ARG A 240 8.46 18.95 0.51
C ARG A 240 9.68 18.28 1.16
N VAL A 241 10.06 17.06 0.72
CA VAL A 241 11.15 16.31 1.35
C VAL A 241 12.55 16.80 0.96
N THR A 242 12.71 17.56 -0.14
CA THR A 242 14.02 18.09 -0.54
C THR A 242 14.28 19.48 0.11
N ALA A 243 13.21 20.26 0.36
CA ALA A 243 13.27 21.57 1.00
C ALA A 243 13.59 21.41 2.51
N ALA A 244 12.92 20.47 3.19
CA ALA A 244 13.15 20.18 4.60
C ALA A 244 13.13 18.66 4.82
N ALA A 245 14.29 18.09 5.19
CA ALA A 245 14.45 16.65 5.43
C ALA A 245 13.47 16.11 6.49
N PRO A 246 12.71 15.04 6.17
CA PRO A 246 11.80 14.49 7.19
C PRO A 246 12.62 13.78 8.28
N THR A 247 12.10 13.79 9.51
CA THR A 247 12.83 13.28 10.69
C THR A 247 12.38 11.91 11.23
N GLY A 248 11.27 11.38 10.73
CA GLY A 248 10.76 10.11 11.28
C GLY A 248 11.29 8.84 10.65
N LEU A 249 10.72 7.71 11.12
CA LEU A 249 11.01 6.35 10.66
C LEU A 249 9.74 5.74 10.11
N VAL A 250 9.90 4.68 9.31
CA VAL A 250 8.82 3.90 8.71
C VAL A 250 9.21 2.42 8.83
N THR A 251 8.28 1.55 9.27
CA THR A 251 8.50 0.09 9.35
C THR A 251 7.65 -0.63 8.25
N PHE A 252 8.26 -1.60 7.55
CA PHE A 252 7.63 -2.43 6.52
C PHE A 252 7.77 -3.88 7.04
N THR A 253 6.64 -4.55 7.27
CA THR A 253 6.61 -5.91 7.81
C THR A 253 5.87 -6.84 6.88
N ARG A 254 6.57 -7.91 6.46
CA ARG A 254 5.93 -8.96 5.69
C ARG A 254 5.45 -10.02 6.72
N GLN A 255 4.16 -10.38 6.66
CA GLN A 255 3.57 -11.35 7.59
C GLN A 255 2.94 -12.51 6.83
N SER A 256 3.33 -13.73 7.18
CA SER A 256 2.90 -14.98 6.58
C SER A 256 2.43 -15.92 7.68
N LEU A 257 1.13 -16.25 7.71
CA LEU A 257 0.60 -17.17 8.73
C LEU A 257 0.70 -18.61 8.24
N GLU A 258 1.08 -19.49 9.17
CA GLU A 258 1.21 -20.92 8.95
C GLU A 258 -0.11 -21.60 9.35
N ASP A 259 -0.70 -21.20 10.50
CA ASP A 259 -1.93 -21.77 11.05
C ASP A 259 -3.17 -20.89 10.89
N PHE A 260 -4.12 -21.38 10.08
CA PHE A 260 -5.39 -20.69 9.85
C PHE A 260 -6.51 -21.34 10.64
N PRO A 261 -7.53 -20.56 11.07
CA PRO A 261 -8.61 -21.19 11.84
C PRO A 261 -9.45 -22.16 11.01
N GLU A 262 -10.03 -23.14 11.70
CA GLU A 262 -10.98 -24.10 11.13
C GLU A 262 -12.29 -23.36 11.34
N TRP A 263 -12.67 -22.49 10.36
CA TRP A 263 -13.81 -21.57 10.40
C TRP A 263 -15.14 -22.18 10.86
N GLU A 264 -15.49 -23.40 10.39
CA GLU A 264 -16.72 -24.14 10.73
C GLU A 264 -16.86 -24.35 12.24
N ARG A 265 -15.71 -24.47 12.96
CA ARG A 265 -15.61 -24.72 14.40
C ARG A 265 -15.34 -23.48 15.27
N CYS A 266 -15.23 -22.28 14.67
CA CYS A 266 -14.92 -21.06 15.43
C CYS A 266 -16.08 -20.61 16.34
N GLU A 267 -15.84 -20.69 17.66
CA GLU A 267 -16.82 -20.36 18.69
C GLU A 267 -16.82 -18.90 19.13
N LYS A 268 -15.96 -18.09 18.53
CA LYS A 268 -15.86 -16.67 18.86
C LYS A 268 -17.10 -15.89 18.43
N PRO A 269 -17.61 -14.97 19.26
CA PRO A 269 -18.76 -14.16 18.82
C PRO A 269 -18.29 -13.01 17.91
N LEU A 270 -19.23 -12.32 17.26
CA LEU A 270 -18.93 -11.17 16.43
C LEU A 270 -18.55 -9.99 17.32
N THR A 271 -17.81 -9.03 16.74
CA THR A 271 -17.37 -7.86 17.49
C THR A 271 -18.28 -6.67 17.15
N ARG A 272 -17.90 -5.46 17.59
CA ARG A 272 -18.69 -4.26 17.36
C ARG A 272 -18.52 -3.74 15.92
N LEU A 273 -19.55 -3.00 15.43
CA LEU A 273 -19.56 -2.43 14.10
C LEU A 273 -20.00 -0.97 14.10
N HIS A 274 -19.28 -0.16 13.31
CA HIS A 274 -19.64 1.21 12.99
C HIS A 274 -19.62 1.20 11.47
N VAL A 275 -20.77 1.48 10.83
CA VAL A 275 -20.86 1.46 9.36
C VAL A 275 -21.44 2.81 8.89
N THR A 276 -20.80 3.44 7.89
CA THR A 276 -21.20 4.77 7.41
C THR A 276 -21.05 4.93 5.90
N TYR A 277 -21.94 5.71 5.25
CA TYR A 277 -21.83 5.98 3.82
C TYR A 277 -21.06 7.29 3.54
N GLU A 278 -20.65 7.99 4.62
CA GLU A 278 -19.87 9.23 4.53
C GLU A 278 -18.47 8.99 5.11
N GLY A 279 -17.51 9.83 4.75
CA GLY A 279 -16.15 9.75 5.29
C GLY A 279 -15.20 8.86 4.51
N THR A 280 -13.92 8.86 4.94
CA THR A 280 -12.84 8.08 4.32
C THR A 280 -11.99 7.39 5.38
N ILE A 281 -11.28 6.33 4.95
CA ILE A 281 -10.39 5.55 5.81
C ILE A 281 -9.25 6.44 6.39
N GLU A 282 -8.58 7.27 5.56
CA GLU A 282 -7.44 8.09 6.02
C GLU A 282 -7.83 9.26 6.93
N GLU A 283 -9.04 9.83 6.77
N GLU A 283 -9.03 9.83 6.80
CA GLU A 283 -9.53 10.97 7.56
CA GLU A 283 -9.43 10.94 7.70
C GLU A 283 -10.27 10.53 8.83
C GLU A 283 -10.20 10.45 8.90
N ASN A 284 -11.21 9.58 8.69
CA ASN A 284 -12.09 9.11 9.77
C ASN A 284 -11.63 7.80 10.44
N GLY A 285 -10.52 7.24 9.96
CA GLY A 285 -9.93 6.02 10.50
C GLY A 285 -8.59 6.24 11.15
N GLN A 286 -8.36 7.43 11.69
CA GLN A 286 -7.10 7.80 12.36
C GLN A 286 -6.90 6.97 13.63
N GLY A 287 -5.67 6.47 13.81
CA GLY A 287 -5.34 5.64 14.95
C GLY A 287 -5.82 4.20 14.84
N MET A 288 -6.51 3.86 13.72
CA MET A 288 -7.05 2.52 13.48
C MET A 288 -6.22 1.80 12.44
N LEU A 289 -6.29 0.45 12.38
CA LEU A 289 -5.60 -0.31 11.35
C LEU A 289 -6.35 0.00 10.03
N GLN A 290 -5.67 0.66 9.07
CA GLN A 290 -6.25 1.10 7.80
C GLN A 290 -5.98 0.10 6.67
N VAL A 291 -7.05 -0.32 6.01
CA VAL A 291 -6.93 -1.33 4.94
C VAL A 291 -6.66 -0.66 3.61
N ASP A 292 -5.68 -1.24 2.91
CA ASP A 292 -5.29 -0.91 1.55
C ASP A 292 -5.86 -2.08 0.72
N PHE A 293 -6.81 -1.80 -0.24
CA PHE A 293 -7.42 -2.82 -1.11
C PHE A 293 -6.41 -3.09 -2.21
N ALA A 294 -5.44 -3.91 -1.85
CA ALA A 294 -4.24 -4.16 -2.62
C ALA A 294 -4.33 -5.12 -3.80
N ASN A 295 -3.35 -5.03 -4.71
N ASN A 295 -3.36 -5.01 -4.69
CA ASN A 295 -3.13 -6.01 -5.78
CA ASN A 295 -3.07 -5.89 -5.82
C ASN A 295 -2.00 -6.87 -5.18
C ASN A 295 -1.92 -6.79 -5.27
N ARG A 296 -1.85 -8.09 -5.65
CA ARG A 296 -0.80 -9.04 -5.18
C ARG A 296 0.64 -8.43 -5.35
N PHE A 297 0.84 -7.61 -6.39
CA PHE A 297 2.04 -6.80 -6.60
C PHE A 297 1.64 -5.46 -5.92
N VAL A 298 2.14 -5.20 -4.69
CA VAL A 298 1.78 -4.04 -3.85
C VAL A 298 1.92 -2.72 -4.60
N GLY A 299 0.92 -1.87 -4.47
CA GLY A 299 0.87 -0.58 -5.16
C GLY A 299 0.14 -0.59 -6.48
N GLY A 300 -0.19 -1.77 -7.01
CA GLY A 300 -0.89 -1.92 -8.29
C GLY A 300 -0.24 -1.11 -9.40
N GLY A 301 -1.04 -0.29 -10.07
CA GLY A 301 -0.53 0.54 -11.14
C GLY A 301 -0.18 1.97 -10.75
N VAL A 302 0.30 2.19 -9.50
CA VAL A 302 0.70 3.54 -9.03
C VAL A 302 1.75 4.21 -9.95
N THR A 303 2.74 3.43 -10.43
CA THR A 303 3.82 3.95 -11.30
C THR A 303 3.44 3.88 -12.78
N SER A 304 2.17 3.55 -13.08
CA SER A 304 1.70 3.44 -14.46
C SER A 304 0.33 4.09 -14.64
N ALA A 305 -0.73 3.33 -14.92
CA ALA A 305 -2.05 3.87 -15.23
C ALA A 305 -3.13 3.83 -14.13
N GLY A 306 -3.07 2.88 -13.19
CA GLY A 306 -4.09 2.73 -12.14
C GLY A 306 -4.32 3.94 -11.26
N LEU A 307 -5.59 4.24 -10.97
CA LEU A 307 -5.90 5.38 -10.10
C LEU A 307 -7.14 5.12 -9.19
N VAL A 308 -7.24 3.88 -8.67
CA VAL A 308 -8.33 3.57 -7.74
C VAL A 308 -7.80 3.60 -6.28
N GLN A 309 -8.50 2.97 -5.31
CA GLN A 309 -8.19 3.02 -3.86
C GLN A 309 -6.69 2.87 -3.51
N GLU A 310 -6.03 1.79 -3.92
CA GLU A 310 -4.62 1.58 -3.58
C GLU A 310 -3.67 2.66 -4.13
N GLU A 311 -3.77 2.94 -5.44
CA GLU A 311 -2.88 3.89 -6.10
C GLU A 311 -2.99 5.26 -5.49
N ILE A 312 -4.21 5.68 -5.12
CA ILE A 312 -4.45 7.00 -4.52
C ILE A 312 -3.70 7.08 -3.18
N ARG A 313 -3.82 6.06 -2.34
CA ARG A 313 -3.11 6.04 -1.05
C ARG A 313 -1.61 6.11 -1.26
N PHE A 314 -1.10 5.39 -2.29
CA PHE A 314 0.33 5.39 -2.59
C PHE A 314 0.85 6.73 -3.09
N LEU A 315 -0.04 7.54 -3.68
CA LEU A 315 0.31 8.86 -4.19
C LEU A 315 0.33 9.91 -3.08
N ILE A 316 -0.66 9.87 -2.17
CA ILE A 316 -0.79 10.87 -1.11
C ILE A 316 0.16 10.57 0.04
N ASN A 317 0.53 9.29 0.20
CA ASN A 317 1.53 8.77 1.15
C ASN A 317 2.61 8.09 0.31
N PRO A 318 3.47 8.88 -0.39
CA PRO A 318 4.45 8.28 -1.32
C PRO A 318 5.46 7.31 -0.72
N GLU A 319 5.73 7.38 0.60
CA GLU A 319 6.68 6.48 1.26
C GLU A 319 6.26 5.01 1.10
N LEU A 320 4.95 4.77 0.89
CA LEU A 320 4.36 3.45 0.61
C LEU A 320 4.93 2.86 -0.68
N ILE A 321 5.20 3.72 -1.71
CA ILE A 321 5.76 3.31 -3.01
C ILE A 321 7.04 2.51 -2.85
N ILE A 322 7.96 2.87 -1.88
CA ILE A 322 9.24 2.16 -1.73
C ILE A 322 9.05 0.66 -1.36
N SER A 323 7.85 0.27 -0.87
CA SER A 323 7.58 -1.15 -0.62
C SER A 323 7.76 -2.00 -1.92
N ARG A 324 7.55 -1.39 -3.10
CA ARG A 324 7.71 -2.03 -4.41
C ARG A 324 9.16 -2.39 -4.74
N LEU A 325 10.11 -1.71 -4.09
CA LEU A 325 11.54 -2.00 -4.27
C LEU A 325 11.90 -3.38 -3.70
N PHE A 326 11.36 -3.72 -2.53
CA PHE A 326 11.76 -4.93 -1.84
C PHE A 326 10.64 -5.93 -1.52
N THR A 327 9.36 -5.66 -1.84
CA THR A 327 8.28 -6.58 -1.50
C THR A 327 7.90 -7.50 -2.66
N GLU A 328 8.17 -8.80 -2.50
CA GLU A 328 7.80 -9.80 -3.51
C GLU A 328 6.27 -9.96 -3.53
N VAL A 329 5.73 -10.36 -4.68
CA VAL A 329 4.30 -10.65 -4.87
C VAL A 329 3.76 -11.45 -3.68
N LEU A 330 2.65 -10.98 -3.11
CA LEU A 330 2.01 -11.63 -1.97
C LEU A 330 1.39 -12.96 -2.35
N ASP A 331 1.63 -13.98 -1.53
CA ASP A 331 0.97 -15.28 -1.68
C ASP A 331 -0.37 -15.21 -0.91
N HIS A 332 -1.24 -16.20 -1.08
CA HIS A 332 -2.57 -16.27 -0.44
C HIS A 332 -2.56 -16.07 1.07
N ASN A 333 -1.51 -16.56 1.75
CA ASN A 333 -1.40 -16.50 3.22
C ASN A 333 -0.55 -15.32 3.76
N GLU A 334 -0.31 -14.30 2.92
CA GLU A 334 0.56 -13.17 3.28
C GLU A 334 -0.07 -11.79 3.16
N CYS A 335 0.50 -10.82 3.86
CA CYS A 335 0.12 -9.41 3.79
C CYS A 335 1.35 -8.56 4.07
N LEU A 336 1.24 -7.24 3.86
CA LEU A 336 2.30 -6.27 4.16
C LEU A 336 1.72 -5.22 5.09
N ILE A 337 2.39 -4.98 6.23
CA ILE A 337 1.98 -4.00 7.23
C ILE A 337 3.00 -2.86 7.22
N ILE A 338 2.52 -1.63 6.92
CA ILE A 338 3.36 -0.44 6.85
C ILE A 338 2.98 0.55 7.92
N THR A 339 3.91 0.81 8.83
CA THR A 339 3.72 1.73 9.94
C THR A 339 4.61 2.97 9.81
N GLY A 340 3.99 4.14 9.86
CA GLY A 340 4.70 5.41 9.89
C GLY A 340 4.66 6.30 8.67
N THR A 341 4.00 5.89 7.58
CA THR A 341 3.95 6.74 6.38
C THR A 341 3.19 8.04 6.68
N GLU A 342 3.58 9.08 5.99
CA GLU A 342 3.08 10.42 6.18
C GLU A 342 2.25 10.86 4.98
N GLN A 343 1.15 11.54 5.24
CA GLN A 343 0.30 12.09 4.18
C GLN A 343 0.87 13.45 3.80
N TYR A 344 1.28 13.59 2.52
CA TYR A 344 1.87 14.80 1.97
C TYR A 344 0.89 15.60 1.09
N SER A 345 -0.19 14.94 0.58
CA SER A 345 -1.15 15.60 -0.30
C SER A 345 -2.60 15.42 0.09
N GLU A 346 -3.44 16.32 -0.40
CA GLU A 346 -4.88 16.26 -0.28
C GLU A 346 -5.40 16.10 -1.69
N TYR A 347 -6.58 15.50 -1.84
CA TYR A 347 -7.12 15.21 -3.18
C TYR A 347 -8.64 15.32 -3.16
N THR A 348 -9.27 15.32 -4.35
CA THR A 348 -10.72 15.25 -4.54
C THR A 348 -10.96 14.20 -5.62
N GLY A 349 -12.15 13.64 -5.63
CA GLY A 349 -12.50 12.64 -6.65
C GLY A 349 -11.86 11.29 -6.45
N TYR A 350 -11.99 10.45 -7.47
CA TYR A 350 -11.57 9.07 -7.46
C TYR A 350 -11.50 8.62 -8.90
N ALA A 351 -10.51 7.78 -9.23
CA ALA A 351 -10.32 7.23 -10.58
C ALA A 351 -10.27 8.33 -11.67
N GLU A 352 -11.20 8.29 -12.65
CA GLU A 352 -11.22 9.29 -13.74
C GLU A 352 -11.48 10.75 -13.27
N THR A 353 -11.95 10.96 -12.03
CA THR A 353 -12.17 12.31 -11.49
C THR A 353 -11.12 12.72 -10.45
N TYR A 354 -10.09 11.88 -10.21
CA TYR A 354 -9.07 12.21 -9.23
C TYR A 354 -8.32 13.50 -9.59
N ARG A 355 -8.16 14.38 -8.59
CA ARG A 355 -7.40 15.60 -8.78
C ARG A 355 -6.60 15.88 -7.53
N TRP A 356 -5.34 16.33 -7.70
CA TRP A 356 -4.53 16.81 -6.59
C TRP A 356 -5.15 18.13 -6.12
N SER A 357 -5.38 18.30 -4.80
CA SER A 357 -6.00 19.55 -4.28
C SER A 357 -5.01 20.57 -3.79
N ARG A 358 -4.07 20.17 -2.91
CA ARG A 358 -3.10 21.06 -2.23
C ARG A 358 -2.16 20.19 -1.39
N SER A 359 -1.18 20.85 -0.74
CA SER A 359 -0.23 20.21 0.15
C SER A 359 -0.93 19.87 1.48
N HIS A 360 -0.56 18.78 2.14
CA HIS A 360 -1.12 18.41 3.44
C HIS A 360 -0.06 18.40 4.53
N GLU A 361 -0.36 19.07 5.66
CA GLU A 361 0.55 19.07 6.83
C GLU A 361 0.01 18.00 7.78
N ASP A 362 0.67 16.84 7.78
CA ASP A 362 0.27 15.70 8.60
C ASP A 362 0.42 16.06 10.10
N GLY A 363 -0.69 15.98 10.83
CA GLY A 363 -0.71 16.28 12.25
C GLY A 363 -0.64 15.07 13.18
N SER A 364 -0.47 13.84 12.59
CA SER A 364 -0.35 12.59 13.33
C SER A 364 0.83 12.67 14.29
N GLU A 365 0.62 12.17 15.51
CA GLU A 365 1.66 12.10 16.52
C GLU A 365 2.67 10.99 16.13
N ARG A 366 3.84 10.98 16.73
CA ARG A 366 4.81 9.92 16.45
C ARG A 366 4.88 9.05 17.70
N ASP A 367 5.14 7.75 17.51
CA ASP A 367 5.30 6.79 18.60
C ASP A 367 6.77 6.86 19.10
N ASP A 368 7.16 5.95 20.02
CA ASP A 368 8.52 5.90 20.60
C ASP A 368 9.62 5.55 19.59
N TRP A 369 9.26 5.12 18.37
CA TRP A 369 10.27 4.82 17.32
C TRP A 369 10.29 5.94 16.30
N GLN A 370 9.69 7.08 16.62
CA GLN A 370 9.55 8.26 15.75
C GLN A 370 8.78 7.94 14.48
N ARG A 371 7.80 7.03 14.56
CA ARG A 371 6.97 6.70 13.38
C ARG A 371 5.62 7.36 13.50
N ARG A 372 5.13 8.06 12.45
CA ARG A 372 3.75 8.59 12.49
C ARG A 372 2.80 7.47 12.95
N CYS A 373 1.79 7.79 13.79
CA CYS A 373 0.84 6.79 14.28
C CYS A 373 -0.25 6.51 13.21
N THR A 374 0.18 5.83 12.14
CA THR A 374 -0.60 5.47 10.95
C THR A 374 -0.18 4.07 10.53
N GLU A 375 -1.06 3.09 10.72
CA GLU A 375 -0.79 1.70 10.38
C GLU A 375 -1.69 1.32 9.23
N ILE A 376 -1.06 0.87 8.13
CA ILE A 376 -1.73 0.45 6.93
C ILE A 376 -1.38 -1.00 6.63
N VAL A 377 -2.38 -1.81 6.26
CA VAL A 377 -2.16 -3.20 5.87
C VAL A 377 -2.63 -3.40 4.39
N ALA A 378 -1.76 -3.96 3.56
CA ALA A 378 -2.07 -4.32 2.18
C ALA A 378 -2.57 -5.78 2.16
N ILE A 379 -3.84 -5.97 1.75
CA ILE A 379 -4.47 -7.29 1.62
C ILE A 379 -5.13 -7.36 0.25
N ASP A 380 -4.74 -8.34 -0.55
CA ASP A 380 -5.25 -8.43 -1.91
C ASP A 380 -6.43 -9.36 -2.03
N ALA A 381 -7.54 -8.83 -2.51
CA ALA A 381 -8.73 -9.63 -2.77
C ALA A 381 -8.51 -10.38 -4.09
N LEU A 382 -9.23 -11.48 -4.30
CA LEU A 382 -9.20 -12.26 -5.53
C LEU A 382 -10.00 -11.55 -6.62
N HIS A 383 -9.60 -11.77 -7.87
CA HIS A 383 -10.28 -11.28 -9.06
C HIS A 383 -11.15 -12.47 -9.54
N PHE A 384 -12.46 -12.24 -9.71
CA PHE A 384 -13.38 -13.28 -10.17
C PHE A 384 -13.82 -13.08 -11.61
N ARG A 385 -13.47 -14.04 -12.51
CA ARG A 385 -13.85 -14.05 -13.94
C ARG A 385 -15.37 -14.15 -14.09
N ARG A 386 -16.00 -14.92 -13.19
CA ARG A 386 -17.44 -15.12 -13.10
C ARG A 386 -17.89 -14.71 -11.70
N TYR A 387 -19.10 -14.16 -11.58
CA TYR A 387 -19.64 -13.67 -10.31
C TYR A 387 -19.77 -14.77 -9.24
N LEU A 388 -20.37 -15.92 -9.60
CA LEU A 388 -20.64 -17.04 -8.70
C LEU A 388 -19.41 -17.80 -8.20
N ASP A 389 -18.22 -17.54 -8.78
CA ASP A 389 -16.96 -18.15 -8.35
C ASP A 389 -16.61 -17.84 -6.88
N GLN A 390 -16.97 -16.63 -6.40
CA GLN A 390 -16.65 -16.17 -5.04
C GLN A 390 -17.38 -16.92 -3.92
N PHE A 391 -18.48 -17.61 -4.27
CA PHE A 391 -19.29 -18.36 -3.31
C PHE A 391 -18.78 -19.79 -3.08
N VAL A 392 -17.81 -20.25 -3.89
CA VAL A 392 -17.15 -21.56 -3.77
C VAL A 392 -16.43 -21.62 -2.40
N PRO A 393 -16.64 -22.68 -1.57
CA PRO A 393 -16.03 -22.71 -0.22
C PRO A 393 -14.55 -22.36 -0.16
N GLU A 394 -13.75 -22.92 -1.09
CA GLU A 394 -12.31 -22.68 -1.20
C GLU A 394 -12.01 -21.16 -1.39
N LYS A 395 -12.84 -20.48 -2.20
CA LYS A 395 -12.70 -19.06 -2.52
C LYS A 395 -13.08 -18.17 -1.34
N MET A 396 -14.12 -18.57 -0.58
CA MET A 396 -14.57 -17.89 0.64
C MET A 396 -13.53 -18.05 1.74
N ARG A 397 -13.03 -19.29 1.95
CA ARG A 397 -12.00 -19.62 2.93
C ARG A 397 -10.70 -18.81 2.64
N ARG A 398 -10.37 -18.66 1.33
CA ARG A 398 -9.20 -17.88 0.89
C ARG A 398 -9.32 -16.41 1.36
N GLU A 399 -10.49 -15.77 1.13
CA GLU A 399 -10.72 -14.36 1.51
C GLU A 399 -10.73 -14.16 3.02
N LEU A 400 -11.29 -15.15 3.75
CA LEU A 400 -11.32 -15.13 5.21
C LEU A 400 -9.90 -15.14 5.78
N ASN A 401 -9.05 -16.08 5.30
CA ASN A 401 -7.67 -16.27 5.72
C ASN A 401 -6.79 -15.10 5.36
N LYS A 402 -7.01 -14.49 4.19
CA LYS A 402 -6.29 -13.29 3.75
C LYS A 402 -6.55 -12.11 4.71
N ALA A 403 -7.83 -11.79 4.95
CA ALA A 403 -8.25 -10.69 5.85
C ALA A 403 -7.78 -11.00 7.27
N TYR A 404 -7.87 -12.27 7.69
CA TYR A 404 -7.42 -12.72 9.02
C TYR A 404 -5.92 -12.45 9.21
N CYS A 405 -5.11 -12.77 8.18
CA CYS A 405 -3.67 -12.52 8.24
C CYS A 405 -3.36 -11.01 8.38
N GLY A 406 -4.07 -10.18 7.62
CA GLY A 406 -3.91 -8.73 7.69
C GLY A 406 -4.28 -8.13 9.04
N PHE A 407 -5.26 -8.74 9.72
CA PHE A 407 -5.80 -8.26 11.01
C PHE A 407 -5.11 -8.84 12.25
N LEU A 408 -4.63 -10.07 12.18
CA LEU A 408 -3.98 -10.70 13.33
C LEU A 408 -2.59 -10.11 13.64
N ARG A 409 -2.37 -9.85 14.93
CA ARG A 409 -1.12 -9.37 15.50
C ARG A 409 -0.72 -10.43 16.54
N PRO A 410 0.02 -11.49 16.11
CA PRO A 410 0.40 -12.57 17.04
C PRO A 410 1.28 -12.06 18.18
N GLY A 411 0.83 -12.32 19.40
CA GLY A 411 1.52 -11.88 20.61
C GLY A 411 0.85 -10.70 21.32
N VAL A 412 0.00 -9.94 20.58
CA VAL A 412 -0.73 -8.78 21.13
C VAL A 412 -2.12 -9.22 21.64
N SER A 413 -2.51 -8.76 22.84
CA SER A 413 -3.84 -9.09 23.40
C SER A 413 -4.91 -8.10 22.93
N SER A 414 -6.15 -8.59 22.80
CA SER A 414 -7.38 -7.93 22.33
C SER A 414 -7.55 -6.47 22.76
N GLU A 415 -7.31 -6.14 24.03
CA GLU A 415 -7.46 -4.78 24.54
C GLU A 415 -6.43 -3.79 23.98
N ASN A 416 -5.33 -4.31 23.40
CA ASN A 416 -4.28 -3.46 22.80
C ASN A 416 -4.40 -3.37 21.27
N LEU A 417 -5.49 -3.93 20.71
CA LEU A 417 -5.72 -3.92 19.27
C LEU A 417 -6.78 -2.90 18.86
N SER A 418 -6.40 -1.93 18.03
CA SER A 418 -7.32 -0.92 17.53
C SER A 418 -8.37 -1.54 16.59
N ALA A 419 -9.46 -0.81 16.31
CA ALA A 419 -10.48 -1.23 15.36
C ALA A 419 -9.87 -1.26 13.95
N VAL A 420 -10.46 -2.04 13.02
CA VAL A 420 -10.07 -2.13 11.61
C VAL A 420 -10.93 -1.10 10.86
N ALA A 421 -10.30 -0.17 10.09
CA ALA A 421 -11.00 0.82 9.26
C ALA A 421 -10.92 0.30 7.82
N THR A 422 -12.07 -0.14 7.29
CA THR A 422 -12.14 -0.77 5.97
C THR A 422 -13.40 -0.31 5.18
N GLY A 423 -13.66 -0.97 4.07
CA GLY A 423 -14.80 -0.69 3.21
C GLY A 423 -14.93 -1.78 2.20
N ASN A 424 -15.56 -1.46 1.05
CA ASN A 424 -15.82 -2.36 -0.07
C ASN A 424 -14.53 -2.93 -0.71
N TRP A 425 -13.93 -3.93 -0.05
CA TRP A 425 -12.69 -4.61 -0.45
C TRP A 425 -12.92 -5.53 -1.65
N GLY A 426 -12.13 -5.35 -2.71
CA GLY A 426 -12.19 -6.14 -3.94
C GLY A 426 -13.40 -5.96 -4.82
N CYS A 427 -14.08 -4.80 -4.72
CA CYS A 427 -15.27 -4.48 -5.51
C CYS A 427 -14.97 -3.89 -6.90
N GLY A 428 -16.02 -3.70 -7.69
CA GLY A 428 -15.95 -3.14 -9.03
C GLY A 428 -15.34 -4.08 -10.06
N ALA A 429 -14.12 -3.72 -10.55
CA ALA A 429 -13.37 -4.47 -11.57
C ALA A 429 -13.04 -5.92 -11.21
N PHE A 430 -12.75 -6.20 -9.92
CA PHE A 430 -12.41 -7.54 -9.43
C PHE A 430 -13.63 -8.48 -9.28
N GLY A 431 -14.85 -7.95 -9.47
CA GLY A 431 -16.09 -8.71 -9.46
C GLY A 431 -16.61 -9.21 -8.12
N GLY A 432 -16.12 -8.62 -7.03
CA GLY A 432 -16.56 -8.98 -5.69
C GLY A 432 -17.94 -8.45 -5.34
N ASP A 433 -18.73 -9.28 -4.62
CA ASP A 433 -20.06 -8.95 -4.12
C ASP A 433 -19.83 -8.24 -2.77
N ALA A 434 -20.26 -6.96 -2.69
CA ALA A 434 -20.11 -6.12 -1.49
C ALA A 434 -20.72 -6.69 -0.21
N ARG A 435 -21.87 -7.38 -0.30
CA ARG A 435 -22.54 -7.94 0.88
C ARG A 435 -21.80 -9.14 1.45
N LEU A 436 -21.29 -10.03 0.58
CA LEU A 436 -20.46 -11.17 0.97
C LEU A 436 -19.11 -10.68 1.58
N LYS A 437 -18.41 -9.78 0.87
CA LYS A 437 -17.12 -9.26 1.34
C LYS A 437 -17.24 -8.56 2.67
N ALA A 438 -18.36 -7.86 2.90
CA ALA A 438 -18.55 -7.20 4.19
C ALA A 438 -18.63 -8.27 5.30
N LEU A 439 -19.38 -9.37 5.07
CA LEU A 439 -19.49 -10.45 6.06
C LEU A 439 -18.14 -11.12 6.31
N ILE A 440 -17.39 -11.42 5.25
CA ILE A 440 -16.06 -12.03 5.32
C ILE A 440 -15.13 -11.21 6.22
N GLN A 441 -15.08 -9.88 6.02
CA GLN A 441 -14.26 -8.99 6.85
C GLN A 441 -14.72 -8.96 8.30
N ILE A 442 -16.04 -8.93 8.52
CA ILE A 442 -16.63 -8.94 9.87
C ILE A 442 -16.20 -10.24 10.61
N LEU A 443 -16.24 -11.38 9.91
CA LEU A 443 -15.85 -12.68 10.46
C LEU A 443 -14.34 -12.74 10.77
N ALA A 444 -13.48 -12.22 9.86
CA ALA A 444 -12.03 -12.25 10.07
C ALA A 444 -11.62 -11.34 11.23
N ALA A 445 -12.29 -10.18 11.37
CA ALA A 445 -12.05 -9.22 12.43
C ALA A 445 -12.47 -9.82 13.77
N ALA A 446 -13.57 -10.63 13.77
CA ALA A 446 -14.06 -11.34 14.96
C ALA A 446 -13.01 -12.37 15.43
N ALA A 447 -12.50 -13.22 14.53
CA ALA A 447 -11.46 -14.21 14.85
C ALA A 447 -10.18 -13.54 15.36
N ALA A 448 -9.82 -12.38 14.79
CA ALA A 448 -8.63 -11.61 15.20
C ALA A 448 -8.94 -10.68 16.40
N GLU A 449 -10.19 -10.75 16.93
CA GLU A 449 -10.70 -10.00 18.09
C GLU A 449 -10.60 -8.47 17.98
N ARG A 450 -10.91 -7.92 16.80
CA ARG A 450 -10.89 -6.47 16.61
C ARG A 450 -12.30 -6.00 16.21
N ASP A 451 -12.66 -4.75 16.56
CA ASP A 451 -13.93 -4.13 16.13
C ASP A 451 -13.74 -3.62 14.68
N VAL A 452 -14.86 -3.33 13.98
CA VAL A 452 -14.89 -2.94 12.57
C VAL A 452 -15.54 -1.58 12.38
N VAL A 453 -14.87 -0.73 11.60
CA VAL A 453 -15.33 0.58 11.17
C VAL A 453 -15.39 0.45 9.63
N TYR A 454 -16.61 0.46 9.07
CA TYR A 454 -16.86 0.15 7.65
C TYR A 454 -17.39 1.34 6.87
N PHE A 455 -16.66 1.74 5.81
CA PHE A 455 -17.03 2.86 4.93
C PHE A 455 -17.67 2.37 3.63
N THR A 456 -18.88 2.86 3.29
CA THR A 456 -19.56 2.37 2.08
C THR A 456 -19.50 3.36 0.91
N PHE A 457 -18.75 4.46 1.07
CA PHE A 457 -18.45 5.44 -0.01
C PHE A 457 -19.67 5.90 -0.84
N GLY A 458 -20.68 6.42 -0.14
CA GLY A 458 -21.89 6.96 -0.76
C GLY A 458 -23.04 6.00 -0.89
N ASP A 459 -22.79 4.69 -0.74
CA ASP A 459 -23.85 3.69 -0.84
C ASP A 459 -24.58 3.55 0.50
N SER A 460 -25.61 4.39 0.72
CA SER A 460 -26.45 4.36 1.92
C SER A 460 -27.24 3.04 2.11
N GLU A 461 -27.67 2.40 1.01
CA GLU A 461 -28.45 1.14 1.08
C GLU A 461 -27.56 0.00 1.61
N LEU A 462 -26.29 -0.05 1.16
CA LEU A 462 -25.30 -1.03 1.61
C LEU A 462 -25.03 -0.84 3.11
N MET A 463 -24.88 0.41 3.57
CA MET A 463 -24.70 0.71 5.00
C MET A 463 -25.85 0.08 5.85
N ARG A 464 -27.10 0.32 5.44
N ARG A 464 -27.10 0.32 5.43
CA ARG A 464 -28.29 -0.20 6.13
CA ARG A 464 -28.32 -0.18 6.06
C ARG A 464 -28.34 -1.74 6.13
C ARG A 464 -28.38 -1.71 6.10
N ASP A 465 -28.01 -2.39 4.98
CA ASP A 465 -27.99 -3.86 4.85
C ASP A 465 -26.91 -4.49 5.74
N ILE A 466 -25.67 -3.93 5.71
CA ILE A 466 -24.58 -4.43 6.57
C ILE A 466 -24.99 -4.29 8.03
N TYR A 467 -25.47 -3.10 8.44
CA TYR A 467 -25.94 -2.89 9.82
C TYR A 467 -27.02 -3.88 10.25
N SER A 468 -28.11 -4.01 9.47
CA SER A 468 -29.23 -4.91 9.75
C SER A 468 -28.77 -6.34 9.86
N MET A 469 -27.85 -6.78 8.99
CA MET A 469 -27.32 -8.16 9.06
C MET A 469 -26.51 -8.38 10.34
N HIS A 470 -25.58 -7.45 10.64
CA HIS A 470 -24.72 -7.52 11.81
C HIS A 470 -25.55 -7.56 13.12
N ILE A 471 -26.56 -6.66 13.25
CA ILE A 471 -27.41 -6.62 14.44
C ILE A 471 -28.28 -7.90 14.58
N PHE A 472 -28.74 -8.47 13.45
CA PHE A 472 -29.52 -9.71 13.41
C PHE A 472 -28.70 -10.90 13.96
N LEU A 473 -27.45 -11.07 13.48
CA LEU A 473 -26.55 -12.14 13.90
C LEU A 473 -26.08 -11.98 15.36
N THR A 474 -25.81 -10.73 15.79
CA THR A 474 -25.38 -10.40 17.16
C THR A 474 -26.49 -10.72 18.20
N GLU A 475 -27.73 -10.23 17.97
CA GLU A 475 -28.89 -10.43 18.87
C GLU A 475 -29.20 -11.90 19.07
N ARG A 476 -28.94 -12.71 18.03
CA ARG A 476 -29.16 -14.14 18.02
C ARG A 476 -27.92 -14.93 18.49
N LYS A 477 -26.86 -14.20 18.91
CA LYS A 477 -25.60 -14.74 19.45
C LYS A 477 -24.94 -15.82 18.55
N LEU A 478 -24.97 -15.61 17.22
CA LEU A 478 -24.34 -16.52 16.28
C LEU A 478 -22.83 -16.30 16.29
N THR A 479 -22.07 -17.39 16.36
CA THR A 479 -20.61 -17.35 16.37
C THR A 479 -20.10 -17.24 14.91
N VAL A 480 -18.76 -17.11 14.75
CA VAL A 480 -18.05 -17.08 13.47
C VAL A 480 -18.35 -18.39 12.70
N GLY A 481 -18.35 -19.53 13.42
CA GLY A 481 -18.67 -20.86 12.92
C GLY A 481 -20.08 -20.98 12.37
N ASP A 482 -21.07 -20.48 13.14
CA ASP A 482 -22.49 -20.46 12.75
C ASP A 482 -22.68 -19.67 11.44
N VAL A 483 -22.03 -18.51 11.31
CA VAL A 483 -22.12 -17.66 10.11
C VAL A 483 -21.39 -18.32 8.94
N TYR A 484 -20.17 -18.87 9.17
CA TYR A 484 -19.44 -19.55 8.08
C TYR A 484 -20.25 -20.73 7.51
N LYS A 485 -20.91 -21.52 8.40
CA LYS A 485 -21.75 -22.67 8.01
C LYS A 485 -22.94 -22.20 7.14
N LEU A 486 -23.51 -21.03 7.45
CA LEU A 486 -24.61 -20.44 6.67
C LEU A 486 -24.13 -20.11 5.26
N LEU A 487 -22.88 -19.62 5.13
CA LEU A 487 -22.27 -19.33 3.84
C LEU A 487 -22.09 -20.61 3.02
N LEU A 488 -21.71 -21.74 3.67
CA LEU A 488 -21.54 -23.05 3.01
C LEU A 488 -22.88 -23.57 2.50
N ARG A 489 -23.97 -23.34 3.26
CA ARG A 489 -25.33 -23.73 2.90
C ARG A 489 -25.81 -22.93 1.67
N TYR A 490 -25.52 -21.61 1.63
CA TYR A 490 -25.89 -20.76 0.50
C TYR A 490 -25.26 -21.29 -0.80
N TYR A 491 -23.94 -21.59 -0.77
CA TYR A 491 -23.26 -22.17 -1.94
C TYR A 491 -23.95 -23.45 -2.38
N ASN A 492 -24.23 -24.33 -1.43
CA ASN A 492 -24.83 -25.62 -1.68
C ASN A 492 -26.26 -25.58 -2.19
N GLU A 493 -27.07 -24.67 -1.68
CA GLU A 493 -28.48 -24.53 -2.06
C GLU A 493 -28.69 -23.72 -3.33
N GLU A 494 -27.92 -22.63 -3.50
CA GLU A 494 -28.12 -21.65 -4.58
C GLU A 494 -26.98 -21.48 -5.63
N CYS A 495 -25.77 -22.05 -5.43
CA CYS A 495 -24.66 -21.85 -6.38
C CYS A 495 -24.12 -23.13 -7.04
N ARG A 496 -23.95 -24.22 -6.26
CA ARG A 496 -23.41 -25.52 -6.70
C ARG A 496 -24.08 -26.09 -7.94
N ASN A 497 -25.42 -26.06 -7.99
CA ASN A 497 -26.23 -26.59 -9.09
C ASN A 497 -26.75 -25.51 -10.07
N CYS A 498 -26.45 -24.22 -9.81
CA CYS A 498 -26.85 -23.08 -10.62
C CYS A 498 -26.11 -23.05 -11.97
N SER A 499 -26.88 -23.02 -13.08
CA SER A 499 -26.34 -22.99 -14.45
C SER A 499 -26.33 -21.56 -15.04
N THR A 500 -27.33 -20.73 -14.67
CA THR A 500 -27.46 -19.34 -15.13
C THR A 500 -26.38 -18.43 -14.53
N PRO A 503 -27.66 -15.64 -9.20
CA PRO A 503 -28.44 -16.66 -8.46
C PRO A 503 -29.92 -16.29 -8.32
N ASP A 504 -30.75 -17.28 -7.96
CA ASP A 504 -32.19 -17.13 -7.76
C ASP A 504 -32.52 -16.22 -6.56
N ILE A 505 -31.89 -16.48 -5.39
CA ILE A 505 -32.11 -15.69 -4.18
C ILE A 505 -30.77 -15.12 -3.70
N LYS A 506 -30.80 -13.89 -3.16
CA LYS A 506 -29.59 -13.21 -2.67
C LYS A 506 -29.14 -13.73 -1.30
N LEU A 507 -27.84 -13.58 -0.98
CA LEU A 507 -27.22 -14.05 0.26
C LEU A 507 -27.90 -13.55 1.56
N TYR A 508 -28.12 -12.24 1.73
CA TYR A 508 -28.71 -11.75 3.00
C TYR A 508 -30.14 -12.25 3.20
N PRO A 509 -31.07 -12.14 2.21
CA PRO A 509 -32.41 -12.76 2.37
C PRO A 509 -32.28 -14.26 2.72
N PHE A 510 -31.34 -14.99 2.09
CA PHE A 510 -31.08 -16.41 2.37
C PHE A 510 -30.75 -16.63 3.84
N ILE A 511 -29.84 -15.80 4.39
CA ILE A 511 -29.41 -15.89 5.79
C ILE A 511 -30.57 -15.65 6.76
N TYR A 512 -31.35 -14.55 6.58
CA TYR A 512 -32.50 -14.24 7.42
C TYR A 512 -33.47 -15.42 7.43
N HIS A 513 -33.78 -15.98 6.24
N HIS A 513 -33.78 -15.98 6.24
CA HIS A 513 -34.69 -17.11 6.09
CA HIS A 513 -34.69 -17.11 6.07
C HIS A 513 -34.17 -18.37 6.79
C HIS A 513 -34.17 -18.38 6.77
N ALA A 514 -32.89 -18.74 6.57
CA ALA A 514 -32.28 -19.93 7.17
C ALA A 514 -32.29 -19.89 8.70
N VAL A 515 -32.03 -18.72 9.30
CA VAL A 515 -32.02 -18.56 10.76
C VAL A 515 -33.44 -18.50 11.33
N GLU A 516 -34.31 -17.63 10.76
CA GLU A 516 -35.69 -17.42 11.22
C GLU A 516 -36.59 -18.66 11.07
N SER A 517 -36.30 -19.57 10.13
CA SER A 517 -37.10 -20.78 9.93
C SER A 517 -36.51 -22.04 10.62
N CYS A 518 -35.32 -21.92 11.23
CA CYS A 518 -34.68 -23.01 11.95
C CYS A 518 -35.26 -23.15 13.36
#